data_1YBI
#
_entry.id   1YBI
#
_cell.length_a   104.084
_cell.length_b   146.595
_cell.length_c   35.712
_cell.angle_alpha   90.00
_cell.angle_beta   90.00
_cell.angle_gamma   90.00
#
_symmetry.space_group_name_H-M   'P 21 21 2'
#
loop_
_entity.id
_entity.type
_entity.pdbx_description
1 polymer 'non-toxin haemagglutinin HA34'
2 water water
#
_entity_poly.entity_id   1
_entity_poly.type   'polypeptide(L)'
_entity_poly.pdbx_seq_one_letter_code
;VIQNSLNDKIVTISCKADTNLFFYQVAGNVSLFQQTRNYLERWRLIYDSNKAAYKIKSMDIHNTNLVLTWNAPTHNISTQ
QDSNADNQYWLLLKDIGNNSFIIASYKNPNLVLYADTVARNLKLSTLNNSNYIKFIIEDYIISDLNNFTCKISPILDLNK
VVQQVDVTNLNVNLYTWDYGRNQKWTIRYNEEKAAYQFFNTILSNGVLTWIFSNGNTVRVSSSNDQNNDAQYWLINPVSD
TDETYTITNLRDTTKALDLYGGQTANGTAIQVFNYHGDDNQKWNIRNP
;
_entity_poly.pdbx_strand_id   A,B
#
# COMPACT_ATOMS: atom_id res chain seq x y z
N SER A 5 15.87 -1.90 -30.10
CA SER A 5 15.97 -3.18 -29.32
C SER A 5 15.54 -2.94 -27.89
N LEU A 6 15.64 -4.00 -27.08
CA LEU A 6 15.04 -4.00 -25.74
C LEU A 6 16.00 -3.72 -24.61
N ASN A 7 17.30 -3.92 -24.79
CA ASN A 7 18.23 -3.68 -23.69
C ASN A 7 18.05 -2.27 -23.17
N ASP A 8 17.94 -2.17 -21.84
CA ASP A 8 17.83 -0.89 -21.12
C ASP A 8 16.56 -0.10 -21.43
N LYS A 9 15.59 -0.72 -22.10
CA LYS A 9 14.31 -0.08 -22.33
C LYS A 9 13.45 -0.17 -21.07
N ILE A 10 12.73 0.90 -20.79
CA ILE A 10 11.72 0.90 -19.71
C ILE A 10 10.34 0.64 -20.34
N VAL A 11 9.73 -0.47 -19.93
CA VAL A 11 8.52 -0.98 -20.50
C VAL A 11 7.45 -1.24 -19.44
N THR A 12 6.22 -1.35 -19.90
CA THR A 12 5.18 -2.01 -19.14
C THR A 12 5.01 -3.41 -19.72
N ILE A 13 4.49 -4.30 -18.90
CA ILE A 13 4.17 -5.62 -19.36
C ILE A 13 2.73 -5.91 -18.96
N SER A 14 1.89 -6.16 -19.97
CA SER A 14 0.47 -6.39 -19.74
C SER A 14 0.04 -7.69 -20.39
N CYS A 15 -1.16 -8.15 -20.07
CA CYS A 15 -1.59 -9.50 -20.40
C CYS A 15 -2.33 -9.50 -21.72
N LYS A 16 -1.91 -10.33 -22.67
CA LYS A 16 -2.69 -10.53 -23.88
C LYS A 16 -4.12 -10.98 -23.54
N ALA A 17 -4.28 -11.74 -22.46
CA ALA A 17 -5.61 -12.24 -22.04
C ALA A 17 -6.48 -11.19 -21.37
N ASP A 18 -5.86 -10.08 -20.98
CA ASP A 18 -6.57 -8.94 -20.37
C ASP A 18 -5.64 -7.74 -20.42
N THR A 19 -5.82 -6.93 -21.45
CA THR A 19 -4.88 -5.85 -21.76
C THR A 19 -4.99 -4.69 -20.78
N ASN A 20 -5.95 -4.78 -19.86
CA ASN A 20 -6.04 -3.81 -18.77
C ASN A 20 -5.38 -4.29 -17.48
N LEU A 21 -4.69 -5.42 -17.51
CA LEU A 21 -3.90 -5.90 -16.37
C LEU A 21 -2.42 -5.85 -16.68
N PHE A 22 -1.67 -5.23 -15.77
CA PHE A 22 -0.26 -4.92 -15.92
C PHE A 22 0.55 -5.57 -14.79
N PHE A 23 1.79 -5.95 -15.07
CA PHE A 23 2.71 -6.38 -14.03
C PHE A 23 2.94 -5.21 -13.07
N TYR A 24 2.64 -5.46 -11.80
CA TYR A 24 2.66 -4.45 -10.75
C TYR A 24 3.50 -4.91 -9.58
N GLN A 25 4.39 -4.04 -9.11
CA GLN A 25 5.33 -4.38 -8.06
C GLN A 25 5.17 -3.49 -6.83
N VAL A 26 5.00 -4.14 -5.67
CA VAL A 26 5.02 -3.45 -4.38
C VAL A 26 5.62 -4.43 -3.37
N ALA A 27 6.64 -4.00 -2.65
CA ALA A 27 7.11 -4.70 -1.45
C ALA A 27 7.52 -6.16 -1.70
N GLY A 28 8.19 -6.40 -2.82
CA GLY A 28 8.65 -7.75 -3.17
C GLY A 28 7.59 -8.63 -3.84
N ASN A 29 6.39 -8.08 -4.03
CA ASN A 29 5.28 -8.83 -4.60
C ASN A 29 5.13 -8.39 -6.04
N VAL A 30 4.92 -9.35 -6.92
CA VAL A 30 4.55 -9.06 -8.29
C VAL A 30 3.14 -9.59 -8.49
N SER A 31 2.27 -8.72 -9.00
CA SER A 31 0.86 -9.03 -9.18
C SER A 31 0.38 -8.36 -10.46
N LEU A 32 -0.86 -8.62 -10.79
CA LEU A 32 -1.51 -8.05 -11.97
C LEU A 32 -2.51 -7.02 -11.50
N PHE A 33 -2.41 -5.81 -12.04
CA PHE A 33 -3.19 -4.68 -11.53
C PHE A 33 -3.60 -3.79 -12.68
N GLN A 34 -4.70 -3.08 -12.51
CA GLN A 34 -5.14 -2.08 -13.48
C GLN A 34 -4.02 -1.10 -13.80
N GLN A 35 -4.20 -0.38 -14.89
CA GLN A 35 -3.22 0.61 -15.36
C GLN A 35 -3.02 1.71 -14.33
N THR A 36 -1.76 2.00 -13.99
CA THR A 36 -1.46 3.08 -13.04
C THR A 36 -0.70 4.27 -13.66
N ARG A 37 -0.13 4.06 -14.85
CA ARG A 37 0.75 5.05 -15.50
C ARG A 37 1.76 5.62 -14.49
N ASN A 38 2.44 4.73 -13.78
CA ASN A 38 3.47 5.13 -12.83
C ASN A 38 4.53 4.04 -12.67
N TYR A 39 5.55 4.33 -11.86
CA TYR A 39 6.72 3.47 -11.73
C TYR A 39 6.42 2.06 -11.20
N LEU A 40 5.29 1.91 -10.51
CA LEU A 40 4.91 0.60 -9.95
C LEU A 40 4.67 -0.43 -11.06
N GLU A 41 4.42 0.04 -12.27
CA GLU A 41 4.19 -0.85 -13.43
C GLU A 41 5.25 -0.69 -14.52
N ARG A 42 6.38 -0.09 -14.17
CA ARG A 42 7.48 0.11 -15.10
C ARG A 42 8.66 -0.79 -14.76
N TRP A 43 9.29 -1.33 -15.82
CA TRP A 43 10.33 -2.34 -15.68
C TRP A 43 11.44 -2.02 -16.66
N ARG A 44 12.69 -2.13 -16.21
CA ARG A 44 13.82 -2.05 -17.12
C ARG A 44 14.26 -3.44 -17.56
N LEU A 45 14.35 -3.63 -18.87
CA LEU A 45 14.89 -4.86 -19.43
C LEU A 45 16.40 -4.79 -19.56
N ILE A 46 17.09 -5.79 -19.04
CA ILE A 46 18.56 -5.82 -19.03
C ILE A 46 19.02 -7.06 -19.76
N TYR A 47 19.62 -6.89 -20.94
CA TYR A 47 20.03 -8.02 -21.80
C TYR A 47 21.39 -8.55 -21.44
N ASP A 48 21.52 -9.88 -21.43
CA ASP A 48 22.82 -10.56 -21.44
C ASP A 48 22.91 -11.27 -22.79
N SER A 49 23.80 -10.80 -23.66
CA SER A 49 23.86 -11.33 -25.05
C SER A 49 24.40 -12.76 -25.12
N ASN A 50 25.18 -13.16 -24.12
CA ASN A 50 25.68 -14.52 -24.03
C ASN A 50 24.59 -15.50 -23.62
N LYS A 51 23.80 -15.11 -22.62
CA LYS A 51 22.67 -15.94 -22.21
C LYS A 51 21.52 -15.84 -23.20
N ALA A 52 21.57 -14.81 -24.04
CA ALA A 52 20.46 -14.45 -24.90
C ALA A 52 19.16 -14.41 -24.06
N ALA A 53 19.25 -13.68 -22.94
CA ALA A 53 18.16 -13.61 -21.95
C ALA A 53 18.21 -12.30 -21.19
N TYR A 54 17.11 -11.99 -20.52
CA TYR A 54 16.93 -10.68 -19.89
C TYR A 54 16.57 -10.78 -18.43
N LYS A 55 17.05 -9.83 -17.65
CA LYS A 55 16.47 -9.58 -16.33
C LYS A 55 15.39 -8.53 -16.48
N ILE A 56 14.37 -8.62 -15.63
CA ILE A 56 13.22 -7.72 -15.67
C ILE A 56 13.21 -6.98 -14.34
N LYS A 57 13.72 -5.76 -14.37
CA LYS A 57 14.00 -4.99 -13.16
C LYS A 57 12.89 -3.98 -12.83
N SER A 58 12.39 -4.02 -11.60
CA SER A 58 11.35 -3.08 -11.16
C SER A 58 11.95 -1.68 -11.00
N MET A 59 11.16 -0.67 -11.35
CA MET A 59 11.55 0.73 -11.11
C MET A 59 11.15 1.18 -9.70
N ASP A 60 10.90 0.22 -8.79
CA ASP A 60 10.55 0.51 -7.39
C ASP A 60 11.57 1.42 -6.71
N ILE A 61 11.04 2.30 -5.87
CA ILE A 61 11.82 3.32 -5.22
C ILE A 61 12.00 3.04 -3.74
N HIS A 62 10.93 2.57 -3.09
CA HIS A 62 10.98 2.29 -1.66
C HIS A 62 12.38 1.84 -1.28
N ASN A 63 12.93 0.95 -2.11
CA ASN A 63 14.33 0.58 -2.06
C ASN A 63 14.67 -0.51 -3.05
N THR A 64 15.92 -0.43 -3.45
CA THR A 64 16.64 -1.52 -4.04
C THR A 64 16.35 -1.85 -5.49
N ASN A 65 17.22 -2.76 -5.92
CA ASN A 65 17.34 -3.37 -7.24
C ASN A 65 16.63 -4.72 -7.29
N LEU A 66 15.32 -4.70 -7.44
CA LEU A 66 14.51 -5.89 -7.43
C LEU A 66 14.20 -6.35 -8.86
N VAL A 67 14.40 -7.63 -9.10
CA VAL A 67 14.14 -8.22 -10.40
C VAL A 67 13.12 -9.35 -10.30
N LEU A 68 12.38 -9.56 -11.39
CA LEU A 68 11.38 -10.60 -11.44
C LEU A 68 12.07 -11.96 -11.27
N THR A 69 11.57 -12.75 -10.32
CA THR A 69 12.29 -13.95 -9.87
C THR A 69 11.35 -15.14 -9.78
N TRP A 70 11.79 -16.27 -10.29
CA TRP A 70 11.04 -17.51 -10.15
C TRP A 70 11.41 -18.21 -8.86
N ASN A 71 10.44 -18.31 -7.96
CA ASN A 71 10.65 -18.90 -6.64
C ASN A 71 10.61 -20.42 -6.69
N ALA A 72 11.53 -21.02 -7.45
CA ALA A 72 11.65 -22.46 -7.53
C ALA A 72 11.92 -22.99 -6.13
N PRO A 73 11.42 -24.20 -5.82
CA PRO A 73 10.72 -25.12 -6.70
C PRO A 73 9.20 -24.90 -6.76
N THR A 74 8.70 -23.81 -6.19
CA THR A 74 7.29 -23.44 -6.37
C THR A 74 7.13 -22.99 -7.81
N HIS A 75 5.88 -22.76 -8.21
CA HIS A 75 5.61 -22.16 -9.51
C HIS A 75 5.26 -20.69 -9.36
N ASN A 76 5.69 -20.08 -8.25
CA ASN A 76 5.36 -18.68 -7.96
C ASN A 76 6.47 -17.71 -8.35
N ILE A 77 6.06 -16.46 -8.47
CA ILE A 77 6.87 -15.39 -9.00
C ILE A 77 6.88 -14.28 -7.97
N SER A 78 8.03 -13.64 -7.80
CA SER A 78 8.14 -12.47 -6.93
C SER A 78 9.22 -11.53 -7.45
N THR A 79 9.43 -10.44 -6.74
CA THR A 79 10.60 -9.59 -6.99
C THR A 79 11.59 -9.76 -5.85
N GLN A 80 12.83 -10.09 -6.20
CA GLN A 80 13.92 -10.27 -5.23
C GLN A 80 15.12 -9.45 -5.64
N GLN A 81 16.05 -9.29 -4.70
CA GLN A 81 17.30 -8.60 -4.96
C GLN A 81 18.06 -9.25 -6.12
N ASP A 82 18.45 -8.45 -7.10
CA ASP A 82 19.24 -8.90 -8.23
C ASP A 82 20.55 -9.52 -7.76
N SER A 83 20.75 -10.80 -8.07
CA SER A 83 22.04 -11.46 -7.90
C SER A 83 22.54 -12.08 -9.22
N ASN A 84 21.90 -11.72 -10.33
CA ASN A 84 22.22 -12.27 -11.65
C ASN A 84 22.06 -13.79 -11.72
N ALA A 85 21.17 -14.34 -10.90
CA ALA A 85 20.93 -15.78 -10.84
C ALA A 85 20.12 -16.21 -12.05
N ASP A 86 20.23 -17.49 -12.39
CA ASP A 86 19.53 -18.05 -13.56
C ASP A 86 18.00 -17.97 -13.43
N ASN A 87 17.50 -18.04 -12.20
CA ASN A 87 16.07 -17.90 -11.94
C ASN A 87 15.60 -16.43 -11.96
N GLN A 88 16.50 -15.52 -12.33
CA GLN A 88 16.17 -14.13 -12.56
C GLN A 88 16.38 -13.72 -14.02
N TYR A 89 16.66 -14.70 -14.87
CA TYR A 89 16.77 -14.50 -16.32
C TYR A 89 15.59 -15.13 -17.07
N TRP A 90 15.19 -14.45 -18.15
CA TRP A 90 13.99 -14.76 -18.90
C TRP A 90 14.27 -14.66 -20.39
N LEU A 91 13.78 -15.64 -21.14
CA LEU A 91 13.83 -15.54 -22.60
C LEU A 91 12.62 -14.76 -23.06
N LEU A 92 12.85 -13.69 -23.80
CA LEU A 92 11.78 -12.92 -24.38
C LEU A 92 11.58 -13.32 -25.84
N LEU A 93 10.51 -14.07 -26.07
CA LEU A 93 10.26 -14.73 -27.36
C LEU A 93 9.05 -14.04 -27.99
N LYS A 94 9.32 -13.22 -29.00
CA LYS A 94 8.27 -12.43 -29.65
C LYS A 94 7.50 -13.29 -30.65
N ASP A 95 6.20 -13.41 -30.44
CA ASP A 95 5.34 -14.20 -31.31
C ASP A 95 4.96 -13.33 -32.49
N ILE A 96 5.72 -13.45 -33.57
CA ILE A 96 5.68 -12.47 -34.65
C ILE A 96 4.34 -12.54 -35.36
N GLY A 97 3.68 -11.39 -35.49
CA GLY A 97 2.35 -11.28 -36.10
C GLY A 97 1.27 -11.07 -35.06
N ASN A 98 1.57 -11.41 -33.81
CA ASN A 98 0.56 -11.44 -32.75
C ASN A 98 0.76 -10.35 -31.69
N ASN A 99 1.72 -9.43 -31.92
CA ASN A 99 1.96 -8.32 -30.99
C ASN A 99 2.12 -8.81 -29.54
N SER A 100 2.85 -9.91 -29.35
CA SER A 100 2.92 -10.53 -28.02
C SER A 100 4.23 -11.26 -27.82
N PHE A 101 4.51 -11.57 -26.55
CA PHE A 101 5.72 -12.27 -26.14
C PHE A 101 5.33 -13.44 -25.23
N ILE A 102 6.06 -14.53 -25.38
CA ILE A 102 6.11 -15.61 -24.42
C ILE A 102 7.39 -15.35 -23.62
N ILE A 103 7.28 -15.48 -22.31
CA ILE A 103 8.36 -15.19 -21.39
C ILE A 103 8.77 -16.46 -20.66
N ALA A 104 9.87 -17.07 -21.09
CA ALA A 104 10.28 -18.39 -20.61
C ALA A 104 11.38 -18.23 -19.57
N SER A 105 11.35 -19.09 -18.56
CA SER A 105 12.41 -19.05 -17.55
C SER A 105 13.75 -19.53 -18.14
N TYR A 106 14.81 -18.75 -17.97
CA TYR A 106 16.14 -19.18 -18.38
C TYR A 106 16.58 -20.42 -17.59
N LYS A 107 16.18 -20.51 -16.33
CA LYS A 107 16.53 -21.65 -15.49
C LYS A 107 15.87 -22.93 -15.98
N ASN A 108 14.60 -22.82 -16.35
CA ASN A 108 13.89 -23.97 -16.88
C ASN A 108 13.00 -23.48 -18.03
N PRO A 109 13.56 -23.42 -19.24
CA PRO A 109 12.82 -22.90 -20.38
C PRO A 109 11.54 -23.67 -20.74
N ASN A 110 11.37 -24.88 -20.22
CA ASN A 110 10.10 -25.61 -20.35
C ASN A 110 8.93 -24.82 -19.75
N LEU A 111 9.23 -23.93 -18.80
CA LEU A 111 8.19 -23.19 -18.09
C LEU A 111 8.19 -21.74 -18.52
N VAL A 112 7.00 -21.20 -18.69
CA VAL A 112 6.80 -19.81 -19.08
C VAL A 112 5.85 -19.10 -18.12
N LEU A 113 5.88 -17.78 -18.12
CA LEU A 113 4.94 -17.04 -17.31
C LEU A 113 3.51 -17.25 -17.83
N TYR A 114 2.59 -17.31 -16.87
CA TYR A 114 1.20 -17.57 -17.12
C TYR A 114 0.39 -16.61 -16.23
N ALA A 115 -0.55 -15.85 -16.81
CA ALA A 115 -1.37 -14.92 -16.05
C ALA A 115 -2.59 -15.63 -15.53
N ASP A 116 -2.70 -15.68 -14.19
CA ASP A 116 -3.90 -16.15 -13.51
C ASP A 116 -4.69 -14.88 -13.22
N THR A 117 -5.63 -14.54 -14.10
CA THR A 117 -6.34 -13.28 -13.99
C THR A 117 -7.46 -13.32 -12.93
N VAL A 118 -7.75 -14.49 -12.36
CA VAL A 118 -8.68 -14.58 -11.24
C VAL A 118 -7.95 -14.24 -9.93
N ALA A 119 -6.81 -14.89 -9.72
CA ALA A 119 -5.99 -14.64 -8.54
C ALA A 119 -5.18 -13.36 -8.69
N ARG A 120 -5.13 -12.82 -9.90
CA ARG A 120 -4.38 -11.60 -10.24
C ARG A 120 -2.88 -11.76 -9.96
N ASN A 121 -2.32 -12.91 -10.35
CA ASN A 121 -0.91 -13.12 -10.17
C ASN A 121 -0.35 -13.90 -11.35
N LEU A 122 0.94 -14.16 -11.27
CA LEU A 122 1.64 -14.85 -12.32
C LEU A 122 2.13 -16.15 -11.74
N LYS A 123 2.10 -17.19 -12.55
CA LYS A 123 2.69 -18.46 -12.18
C LYS A 123 3.49 -18.97 -13.38
N LEU A 124 4.24 -20.03 -13.15
CA LEU A 124 4.96 -20.70 -14.22
C LEU A 124 4.19 -21.90 -14.65
N SER A 125 4.12 -22.09 -15.96
CA SER A 125 3.36 -23.17 -16.56
C SER A 125 4.06 -23.67 -17.83
N THR A 126 3.69 -24.87 -18.26
CA THR A 126 4.04 -25.31 -19.59
C THR A 126 3.17 -24.52 -20.60
N LEU A 127 3.51 -24.66 -21.87
CA LEU A 127 2.91 -23.85 -22.91
C LEU A 127 1.61 -24.45 -23.40
N ASN A 128 0.77 -23.58 -23.95
CA ASN A 128 -0.43 -23.97 -24.62
C ASN A 128 -0.75 -22.87 -25.62
N ASN A 129 -1.87 -22.98 -26.33
CA ASN A 129 -2.23 -21.99 -27.36
C ASN A 129 -3.14 -20.88 -26.87
N SER A 130 -3.26 -20.76 -25.55
CA SER A 130 -4.08 -19.72 -24.94
C SER A 130 -3.36 -18.38 -24.89
N ASN A 131 -4.13 -17.35 -24.64
CA ASN A 131 -3.56 -16.02 -24.47
C ASN A 131 -2.97 -15.81 -23.08
N TYR A 132 -3.14 -16.78 -22.18
CA TYR A 132 -2.66 -16.59 -20.78
C TYR A 132 -1.14 -16.69 -20.65
N ILE A 133 -0.47 -17.23 -21.66
CA ILE A 133 1.00 -17.24 -21.68
C ILE A 133 1.60 -16.15 -22.56
N LYS A 134 0.77 -15.21 -23.01
CA LYS A 134 1.22 -14.15 -23.90
C LYS A 134 1.10 -12.77 -23.25
N PHE A 135 2.10 -11.93 -23.50
CA PHE A 135 2.22 -10.64 -22.84
C PHE A 135 2.63 -9.54 -23.83
N ILE A 136 2.09 -8.36 -23.61
CA ILE A 136 2.41 -7.19 -24.40
C ILE A 136 3.52 -6.48 -23.67
N ILE A 137 4.69 -6.38 -24.30
CA ILE A 137 5.83 -5.70 -23.71
C ILE A 137 6.10 -4.47 -24.58
N GLU A 138 5.88 -3.30 -23.98
CA GLU A 138 5.89 -2.01 -24.70
C GLU A 138 6.64 -0.95 -23.95
N ASP A 139 7.29 -0.04 -24.69
CA ASP A 139 7.74 1.22 -24.12
C ASP A 139 6.62 1.81 -23.28
N TYR A 140 6.93 2.25 -22.07
CA TYR A 140 5.88 2.70 -21.13
C TYR A 140 5.11 3.92 -21.63
N ILE A 141 5.75 4.75 -22.43
CA ILE A 141 5.08 5.89 -23.06
C ILE A 141 3.96 5.42 -24.00
N ILE A 142 4.24 4.44 -24.87
CA ILE A 142 3.19 3.86 -25.73
C ILE A 142 2.03 3.37 -24.87
N SER A 143 2.37 2.60 -23.84
CA SER A 143 1.39 2.04 -22.94
C SER A 143 0.55 3.14 -22.27
N ASP A 144 1.22 4.16 -21.77
CA ASP A 144 0.57 5.25 -21.06
C ASP A 144 -0.34 6.11 -21.94
N LEU A 145 0.00 6.22 -23.21
CA LEU A 145 -0.74 7.09 -24.15
C LEU A 145 -1.74 6.37 -25.02
N ASN A 146 -1.61 5.04 -25.15
CA ASN A 146 -2.46 4.33 -26.08
C ASN A 146 -3.88 4.31 -25.55
N ASN A 147 -4.83 4.73 -26.40
CA ASN A 147 -6.25 4.82 -26.06
C ASN A 147 -6.58 5.88 -25.00
N PHE A 148 -5.68 6.85 -24.86
CA PHE A 148 -5.84 7.91 -23.89
C PHE A 148 -6.52 9.09 -24.57
N THR A 149 -7.60 9.58 -23.96
CA THR A 149 -8.29 10.76 -24.44
C THR A 149 -7.73 11.95 -23.67
N CYS A 150 -7.29 12.95 -24.42
CA CYS A 150 -6.52 14.05 -23.87
C CYS A 150 -6.95 15.40 -24.43
N LYS A 151 -6.48 16.44 -23.77
CA LYS A 151 -6.31 17.74 -24.39
C LYS A 151 -4.80 18.00 -24.49
N ILE A 152 -4.46 18.81 -25.47
CA ILE A 152 -3.08 19.06 -25.85
C ILE A 152 -2.90 20.56 -25.82
N SER A 153 -1.99 21.01 -24.98
CA SER A 153 -1.72 22.43 -24.80
C SER A 153 -0.27 22.76 -25.11
N PRO A 154 -0.04 23.92 -25.73
CA PRO A 154 1.35 24.33 -25.88
C PRO A 154 1.90 24.72 -24.50
N ILE A 155 3.17 24.43 -24.23
CA ILE A 155 3.72 24.84 -22.93
C ILE A 155 3.68 26.37 -22.76
N LEU A 156 3.62 27.10 -23.87
CA LEU A 156 3.53 28.56 -23.83
C LEU A 156 2.17 29.07 -23.35
N ASP A 157 1.16 28.21 -23.32
CA ASP A 157 -0.13 28.60 -22.74
C ASP A 157 -0.98 27.38 -22.38
N LEU A 158 -0.91 26.98 -21.11
CA LEU A 158 -1.62 25.79 -20.65
C LEU A 158 -3.14 25.98 -20.53
N ASN A 159 -3.63 27.20 -20.70
CA ASN A 159 -5.06 27.43 -20.74
C ASN A 159 -5.67 27.36 -22.12
N LYS A 160 -4.84 27.09 -23.13
CA LYS A 160 -5.34 26.95 -24.51
C LYS A 160 -4.97 25.56 -25.00
N VAL A 161 -5.70 25.09 -26.01
CA VAL A 161 -5.59 23.73 -26.51
C VAL A 161 -5.63 23.70 -28.03
N VAL A 162 -5.01 22.65 -28.57
CA VAL A 162 -5.09 22.33 -29.99
C VAL A 162 -6.48 21.82 -30.28
N GLN A 163 -7.16 22.40 -31.27
CA GLN A 163 -8.54 22.04 -31.52
C GLN A 163 -8.82 22.00 -33.01
N GLN A 164 -9.79 21.18 -33.39
CA GLN A 164 -10.42 21.29 -34.71
C GLN A 164 -11.41 22.45 -34.59
N VAL A 165 -11.52 23.29 -35.63
CA VAL A 165 -12.26 24.55 -35.49
C VAL A 165 -13.72 24.28 -35.19
N ASP A 166 -14.33 23.41 -35.97
CA ASP A 166 -15.68 22.92 -35.67
C ASP A 166 -15.93 21.62 -36.42
N VAL A 167 -17.13 21.08 -36.27
CA VAL A 167 -17.44 19.75 -36.80
C VAL A 167 -17.10 19.58 -38.27
N THR A 168 -17.40 20.57 -39.11
CA THR A 168 -17.06 20.49 -40.56
C THR A 168 -15.89 21.39 -41.02
N ASN A 169 -15.35 22.24 -40.15
CA ASN A 169 -14.14 22.99 -40.48
C ASN A 169 -12.97 22.25 -39.85
N LEU A 170 -12.22 21.53 -40.70
CA LEU A 170 -11.22 20.58 -40.27
C LEU A 170 -9.86 21.21 -40.04
N ASN A 171 -9.80 22.53 -40.15
CA ASN A 171 -8.59 23.25 -39.76
C ASN A 171 -8.34 23.10 -38.29
N VAL A 172 -7.07 23.24 -37.93
CA VAL A 172 -6.60 23.03 -36.58
C VAL A 172 -5.92 24.29 -36.10
N ASN A 173 -6.38 24.81 -34.96
CA ASN A 173 -5.81 26.03 -34.40
C ASN A 173 -5.78 25.96 -32.87
N LEU A 174 -5.33 27.05 -32.28
CA LEU A 174 -5.26 27.19 -30.84
C LEU A 174 -6.46 27.96 -30.30
N TYR A 175 -7.03 27.49 -29.19
CA TYR A 175 -8.15 28.20 -28.59
C TYR A 175 -8.24 27.89 -27.10
N THR A 176 -8.77 28.84 -26.35
CA THR A 176 -9.10 28.63 -24.94
C THR A 176 -9.85 27.32 -24.71
N TRP A 177 -9.45 26.58 -23.68
CA TRP A 177 -10.13 25.36 -23.31
C TRP A 177 -11.60 25.67 -22.98
N ASP A 178 -12.51 24.99 -23.68
CA ASP A 178 -13.95 25.25 -23.56
C ASP A 178 -14.79 23.96 -23.46
N TYR A 179 -14.10 22.87 -23.07
CA TYR A 179 -14.72 21.57 -22.77
C TYR A 179 -15.28 20.83 -23.99
N GLY A 180 -15.07 21.37 -25.19
CA GLY A 180 -15.71 20.83 -26.39
C GLY A 180 -15.09 19.55 -26.92
N ARG A 181 -15.91 18.74 -27.59
CA ARG A 181 -15.43 17.50 -28.20
C ARG A 181 -14.36 17.79 -29.25
N ASN A 182 -14.47 18.93 -29.92
CA ASN A 182 -13.47 19.35 -30.91
C ASN A 182 -12.10 19.66 -30.31
N GLN A 183 -12.03 19.76 -28.98
CA GLN A 183 -10.80 20.10 -28.26
C GLN A 183 -10.22 18.88 -27.55
N LYS A 184 -10.80 17.72 -27.80
CA LYS A 184 -10.30 16.49 -27.21
C LYS A 184 -9.87 15.51 -28.30
N TRP A 185 -8.79 14.80 -28.04
CA TRP A 185 -8.20 13.87 -28.99
C TRP A 185 -8.00 12.50 -28.33
N THR A 186 -8.34 11.45 -29.05
CA THR A 186 -8.01 10.11 -28.58
C THR A 186 -6.77 9.59 -29.30
N ILE A 187 -5.74 9.30 -28.52
CA ILE A 187 -4.47 8.78 -29.03
C ILE A 187 -4.58 7.27 -29.26
N ARG A 188 -4.17 6.83 -30.45
CA ARG A 188 -4.16 5.41 -30.77
C ARG A 188 -2.84 5.02 -31.43
N TYR A 189 -2.12 4.10 -30.79
CA TYR A 189 -0.86 3.59 -31.33
C TYR A 189 -1.13 2.49 -32.34
N ASN A 190 -0.52 2.62 -33.52
CA ASN A 190 -0.59 1.61 -34.56
C ASN A 190 0.70 0.79 -34.55
N GLU A 191 0.56 -0.49 -34.21
CA GLU A 191 1.70 -1.42 -34.08
C GLU A 191 2.45 -1.58 -35.39
N GLU A 192 1.68 -1.73 -36.47
CA GLU A 192 2.24 -1.96 -37.80
C GLU A 192 3.07 -0.76 -38.26
N LYS A 193 2.56 0.44 -38.00
CA LYS A 193 3.24 1.67 -38.42
C LYS A 193 4.28 2.18 -37.41
N ALA A 194 4.26 1.64 -36.19
CA ALA A 194 5.12 2.11 -35.09
C ALA A 194 4.97 3.62 -34.88
N ALA A 195 3.73 4.07 -34.87
CA ALA A 195 3.41 5.50 -34.72
C ALA A 195 2.00 5.65 -34.20
N TYR A 196 1.68 6.88 -33.80
CA TYR A 196 0.41 7.19 -33.20
C TYR A 196 -0.47 8.02 -34.14
N GLN A 197 -1.76 7.97 -33.87
CA GLN A 197 -2.73 8.87 -34.49
C GLN A 197 -3.49 9.58 -33.38
N PHE A 198 -3.90 10.81 -33.68
CA PHE A 198 -4.76 11.59 -32.81
C PHE A 198 -6.12 11.73 -33.48
N PHE A 199 -7.12 11.08 -32.90
CA PHE A 199 -8.49 11.12 -33.42
C PHE A 199 -9.25 12.23 -32.72
N ASN A 200 -9.75 13.20 -33.49
CA ASN A 200 -10.57 14.26 -32.88
C ASN A 200 -11.92 13.70 -32.44
N THR A 201 -12.34 13.98 -31.21
CA THR A 201 -13.54 13.31 -30.69
C THR A 201 -14.88 13.88 -31.20
N ILE A 202 -14.86 15.00 -31.91
CA ILE A 202 -16.08 15.52 -32.56
C ILE A 202 -16.46 14.68 -33.80
N LEU A 203 -15.51 13.90 -34.32
CA LEU A 203 -15.70 13.08 -35.51
C LEU A 203 -15.49 11.62 -35.16
N SER A 204 -15.93 10.74 -36.06
CA SER A 204 -15.80 9.30 -35.86
C SER A 204 -14.43 8.77 -36.26
N ASN A 205 -13.87 9.32 -37.33
CA ASN A 205 -12.70 8.74 -37.98
C ASN A 205 -11.76 9.79 -38.54
N GLY A 206 -11.73 10.95 -37.89
CA GLY A 206 -10.86 12.06 -38.31
C GLY A 206 -9.61 12.18 -37.48
N VAL A 207 -8.46 12.19 -38.17
CA VAL A 207 -7.15 12.22 -37.54
C VAL A 207 -6.31 13.44 -37.92
N LEU A 208 -5.51 13.88 -36.98
CA LEU A 208 -4.59 15.00 -37.18
C LEU A 208 -3.61 14.65 -38.28
N THR A 209 -3.48 15.53 -39.27
CA THR A 209 -2.72 15.21 -40.48
C THR A 209 -1.89 16.39 -40.95
N TRP A 210 -0.67 16.10 -41.42
CA TRP A 210 0.12 17.09 -42.15
C TRP A 210 -0.36 17.12 -43.61
N ILE A 211 -0.91 18.26 -44.02
CA ILE A 211 -1.38 18.44 -45.40
C ILE A 211 -0.20 18.97 -46.20
N PHE A 212 0.72 18.05 -46.53
CA PHE A 212 2.02 18.42 -47.11
C PHE A 212 1.92 18.97 -48.53
N SER A 213 0.77 18.72 -49.18
CA SER A 213 0.45 19.35 -50.46
C SER A 213 0.20 20.86 -50.32
N ASN A 214 0.07 21.32 -49.08
CA ASN A 214 -0.14 22.73 -48.79
C ASN A 214 0.87 23.15 -47.70
N GLY A 215 2.16 23.06 -48.05
CA GLY A 215 3.23 23.52 -47.17
C GLY A 215 3.23 22.83 -45.82
N ASN A 216 3.11 23.63 -44.77
CA ASN A 216 3.16 23.14 -43.39
C ASN A 216 1.78 22.99 -42.73
N THR A 217 0.73 23.06 -43.53
CA THR A 217 -0.64 23.03 -43.05
C THR A 217 -0.94 21.74 -42.30
N VAL A 218 -1.67 21.87 -41.20
CA VAL A 218 -2.18 20.71 -40.44
C VAL A 218 -3.71 20.81 -40.37
N ARG A 219 -4.39 19.72 -40.74
CA ARG A 219 -5.84 19.63 -40.66
C ARG A 219 -6.23 18.26 -40.16
N VAL A 220 -7.49 18.13 -39.75
CA VAL A 220 -8.05 16.80 -39.52
C VAL A 220 -8.46 16.23 -40.86
N SER A 221 -8.24 14.92 -41.03
CA SER A 221 -8.68 14.23 -42.26
C SER A 221 -9.07 12.80 -41.95
N SER A 222 -9.93 12.23 -42.79
CA SER A 222 -10.46 10.89 -42.56
C SER A 222 -9.37 9.82 -42.55
N SER A 223 -9.47 8.85 -41.63
CA SER A 223 -8.56 7.71 -41.59
C SER A 223 -9.17 6.50 -42.26
N ASN A 224 -8.98 6.41 -43.57
CA ASN A 224 -9.59 5.33 -44.36
C ASN A 224 -8.61 4.18 -44.60
N ASP A 225 -7.43 4.27 -43.99
CA ASP A 225 -6.24 3.67 -44.55
C ASP A 225 -5.05 3.76 -43.61
N GLN A 226 -4.15 2.78 -43.68
CA GLN A 226 -2.88 2.85 -42.93
C GLN A 226 -1.69 3.29 -43.79
N ASN A 227 -1.94 3.73 -45.02
CA ASN A 227 -0.88 4.00 -45.98
C ASN A 227 -0.34 5.43 -46.01
N ASN A 228 -1.10 6.41 -45.54
CA ASN A 228 -0.64 7.81 -45.56
C ASN A 228 0.15 8.15 -44.29
N ASP A 229 1.47 8.07 -44.37
CA ASP A 229 2.34 8.35 -43.23
C ASP A 229 2.07 9.71 -42.62
N ALA A 230 1.58 10.68 -43.40
CA ALA A 230 1.37 12.03 -42.88
C ALA A 230 0.25 12.12 -41.84
N GLN A 231 -0.56 11.07 -41.73
CA GLN A 231 -1.58 10.93 -40.69
C GLN A 231 -1.06 10.26 -39.41
N TYR A 232 0.25 10.01 -39.34
CA TYR A 232 0.87 9.32 -38.20
C TYR A 232 2.00 10.15 -37.60
N TRP A 233 2.21 9.96 -36.31
CA TRP A 233 3.14 10.82 -35.54
C TRP A 233 3.95 10.02 -34.53
N LEU A 234 5.17 10.49 -34.25
CA LEU A 234 5.95 9.96 -33.13
C LEU A 234 5.80 10.92 -31.95
N ILE A 235 5.64 10.36 -30.76
CA ILE A 235 5.43 11.17 -29.56
C ILE A 235 6.64 10.95 -28.66
N ASN A 236 7.45 12.00 -28.54
CA ASN A 236 8.76 11.95 -27.91
C ASN A 236 8.69 12.66 -26.56
N PRO A 237 8.89 11.93 -25.44
CA PRO A 237 8.82 12.63 -24.17
C PRO A 237 9.97 13.60 -24.01
N VAL A 238 9.69 14.79 -23.48
CA VAL A 238 10.77 15.73 -23.15
C VAL A 238 11.33 15.37 -21.79
N SER A 239 12.64 15.17 -21.74
CA SER A 239 13.32 14.74 -20.53
C SER A 239 13.06 15.75 -19.40
N ASP A 240 12.94 15.24 -18.18
CA ASP A 240 12.82 16.08 -16.97
C ASP A 240 11.57 16.96 -16.99
N THR A 241 10.48 16.36 -17.43
CA THR A 241 9.13 16.93 -17.36
C THR A 241 8.18 15.84 -16.89
N ASP A 242 6.97 16.24 -16.53
CA ASP A 242 5.94 15.28 -16.09
C ASP A 242 5.19 14.70 -17.30
N GLU A 243 4.74 15.58 -18.20
CA GLU A 243 3.82 15.18 -19.26
C GLU A 243 3.99 16.09 -20.48
N THR A 244 5.24 16.39 -20.82
CA THR A 244 5.55 17.25 -21.97
C THR A 244 6.23 16.42 -23.04
N TYR A 245 5.84 16.65 -24.29
CA TYR A 245 6.28 15.84 -25.42
C TYR A 245 6.53 16.71 -26.65
N THR A 246 7.37 16.23 -27.57
CA THR A 246 7.38 16.75 -28.95
C THR A 246 6.65 15.75 -29.83
N ILE A 247 6.08 16.22 -30.92
CA ILE A 247 5.23 15.40 -31.77
C ILE A 247 5.73 15.54 -33.20
N THR A 248 6.38 14.50 -33.73
CA THR A 248 7.00 14.58 -35.06
C THR A 248 6.21 13.75 -36.06
N ASN A 249 6.22 14.16 -37.32
CA ASN A 249 5.38 13.51 -38.32
C ASN A 249 6.09 12.31 -38.95
N LEU A 250 5.36 11.21 -39.11
CA LEU A 250 5.97 9.98 -39.61
C LEU A 250 6.51 10.13 -41.05
N ARG A 251 5.85 10.96 -41.86
CA ARG A 251 6.29 11.18 -43.26
C ARG A 251 7.66 11.82 -43.30
N ASP A 252 7.94 12.68 -42.34
CA ASP A 252 9.22 13.36 -42.21
C ASP A 252 9.47 13.72 -40.76
N THR A 253 10.29 12.94 -40.08
CA THR A 253 10.44 13.08 -38.62
C THR A 253 11.27 14.31 -38.22
N THR A 254 11.78 15.02 -39.22
CA THR A 254 12.41 16.33 -38.97
C THR A 254 11.37 17.45 -38.98
N LYS A 255 10.10 17.10 -39.14
CA LYS A 255 8.98 18.04 -39.04
C LYS A 255 8.19 17.78 -37.76
N ALA A 256 8.05 18.83 -36.96
CA ALA A 256 7.34 18.71 -35.68
C ALA A 256 6.10 19.57 -35.63
N LEU A 257 5.10 19.09 -34.90
CA LEU A 257 3.92 19.91 -34.60
C LEU A 257 4.39 21.20 -33.94
N ASP A 258 3.88 22.32 -34.43
CA ASP A 258 4.49 23.62 -34.16
C ASP A 258 3.43 24.69 -34.00
N LEU A 259 3.51 25.48 -32.94
CA LEU A 259 2.58 26.56 -32.70
C LEU A 259 3.13 27.75 -33.45
N TYR A 260 2.40 28.21 -34.46
CA TYR A 260 2.92 29.23 -35.36
C TYR A 260 3.47 30.45 -34.63
N GLY A 261 4.75 30.72 -34.84
CA GLY A 261 5.41 31.90 -34.32
C GLY A 261 5.50 31.98 -32.80
N GLY A 262 5.14 30.89 -32.13
CA GLY A 262 5.02 30.90 -30.67
C GLY A 262 3.87 31.73 -30.15
N GLN A 263 2.97 32.14 -31.05
CA GLN A 263 1.86 33.01 -30.70
C GLN A 263 0.76 32.21 -29.97
N THR A 264 0.14 32.85 -28.98
CA THR A 264 -0.86 32.18 -28.17
C THR A 264 -2.26 32.78 -28.27
N ALA A 265 -2.47 33.72 -29.20
CA ALA A 265 -3.81 34.25 -29.43
C ALA A 265 -4.76 33.16 -29.92
N ASN A 266 -6.03 33.25 -29.53
CA ASN A 266 -7.06 32.40 -30.13
C ASN A 266 -6.96 32.49 -31.64
N GLY A 267 -7.00 31.33 -32.29
CA GLY A 267 -6.97 31.27 -33.75
C GLY A 267 -5.58 31.10 -34.36
N THR A 268 -4.53 31.16 -33.53
CA THR A 268 -3.18 30.88 -34.01
C THR A 268 -3.14 29.50 -34.65
N ALA A 269 -2.54 29.37 -35.83
CA ALA A 269 -2.49 28.08 -36.52
C ALA A 269 -1.58 27.10 -35.83
N ILE A 270 -1.97 25.84 -35.88
CA ILE A 270 -1.08 24.73 -35.58
C ILE A 270 -0.60 24.20 -36.93
N GLN A 271 0.71 24.04 -37.05
CA GLN A 271 1.34 23.62 -38.30
C GLN A 271 2.40 22.58 -37.99
N VAL A 272 3.15 22.14 -39.00
CA VAL A 272 4.42 21.49 -38.75
C VAL A 272 5.54 22.44 -39.11
N PHE A 273 6.74 22.14 -38.61
CA PHE A 273 7.90 22.95 -38.95
C PHE A 273 9.16 22.20 -38.60
N ASN A 274 10.28 22.64 -39.17
CA ASN A 274 11.57 22.06 -38.87
C ASN A 274 11.74 21.86 -37.38
N TYR A 275 12.01 20.63 -36.98
CA TYR A 275 12.05 20.21 -35.58
C TYR A 275 13.39 20.53 -34.92
N HIS A 276 13.40 21.51 -34.03
CA HIS A 276 14.60 21.83 -33.25
C HIS A 276 14.36 21.86 -31.75
N GLY A 277 13.19 21.35 -31.34
CA GLY A 277 12.87 21.23 -29.92
C GLY A 277 12.68 22.56 -29.19
N ASP A 278 12.20 23.56 -29.92
CA ASP A 278 11.92 24.87 -29.32
C ASP A 278 10.66 24.76 -28.48
N ASP A 279 10.42 25.76 -27.64
CA ASP A 279 9.26 25.74 -26.75
C ASP A 279 7.94 25.68 -27.50
N ASN A 280 7.88 26.26 -28.69
CA ASN A 280 6.64 26.18 -29.47
C ASN A 280 6.41 24.82 -30.15
N GLN A 281 7.31 23.86 -29.88
CA GLN A 281 7.18 22.49 -30.36
C GLN A 281 7.06 21.50 -29.20
N LYS A 282 6.76 22.02 -28.01
CA LYS A 282 6.57 21.21 -26.83
C LYS A 282 5.14 21.33 -26.38
N TRP A 283 4.56 20.18 -26.05
CA TRP A 283 3.13 20.06 -25.82
C TRP A 283 2.85 19.29 -24.56
N ASN A 284 1.90 19.78 -23.77
CA ASN A 284 1.42 19.09 -22.59
C ASN A 284 0.23 18.22 -22.99
N ILE A 285 0.38 16.91 -22.82
CA ILE A 285 -0.68 15.96 -23.13
C ILE A 285 -1.25 15.46 -21.80
N ARG A 286 -2.52 15.78 -21.54
CA ARG A 286 -3.08 15.47 -20.24
C ARG A 286 -4.56 15.21 -20.25
N ASN A 287 -5.07 14.84 -19.09
CA ASN A 287 -6.48 14.58 -18.92
C ASN A 287 -7.27 15.87 -19.20
N PRO A 288 -8.39 15.75 -19.92
CA PRO A 288 -9.24 16.92 -20.12
C PRO A 288 -9.60 17.64 -18.82
N SER B 5 7.00 -13.59 35.42
CA SER B 5 7.71 -13.24 34.15
C SER B 5 7.64 -11.74 33.84
N LEU B 6 7.95 -10.92 34.84
CA LEU B 6 7.69 -9.49 34.79
C LEU B 6 8.91 -8.53 34.61
N ASN B 7 10.16 -8.93 34.89
CA ASN B 7 11.31 -8.03 34.65
C ASN B 7 11.33 -7.57 33.18
N ASP B 8 11.48 -6.26 33.01
CA ASP B 8 11.52 -5.56 31.72
C ASP B 8 10.22 -5.56 30.92
N LYS B 9 9.13 -6.04 31.50
CA LYS B 9 7.84 -6.01 30.84
C LYS B 9 7.25 -4.60 30.86
N ILE B 10 6.67 -4.17 29.75
CA ILE B 10 5.94 -2.90 29.65
C ILE B 10 4.45 -3.19 29.79
N VAL B 11 3.84 -2.55 30.79
CA VAL B 11 2.50 -2.87 31.22
C VAL B 11 1.68 -1.60 31.37
N THR B 12 0.36 -1.77 31.39
CA THR B 12 -0.55 -0.80 31.99
C THR B 12 -0.99 -1.31 33.34
N ILE B 13 -1.35 -0.38 34.22
CA ILE B 13 -1.83 -0.72 35.56
C ILE B 13 -3.17 -0.04 35.75
N SER B 14 -4.24 -0.83 35.88
CA SER B 14 -5.57 -0.30 36.07
C SER B 14 -6.18 -0.78 37.39
N CYS B 15 -7.25 -0.12 37.81
CA CYS B 15 -7.82 -0.34 39.14
C CYS B 15 -8.89 -1.44 39.12
N LYS B 16 -8.74 -2.45 39.96
CA LYS B 16 -9.81 -3.43 40.07
C LYS B 16 -11.11 -2.78 40.50
N ALA B 17 -11.02 -1.72 41.29
CA ALA B 17 -12.21 -1.01 41.79
C ALA B 17 -12.89 -0.15 40.73
N ASP B 18 -12.15 0.17 39.66
CA ASP B 18 -12.69 0.93 38.54
C ASP B 18 -11.81 0.64 37.35
N THR B 19 -12.19 -0.36 36.56
CA THR B 19 -11.33 -0.86 35.50
C THR B 19 -11.16 0.16 34.36
N ASN B 20 -11.92 1.25 34.42
CA ASN B 20 -11.73 2.32 33.47
C ASN B 20 -10.64 3.31 33.85
N LEU B 21 -10.01 3.13 35.01
CA LEU B 21 -8.95 4.04 35.47
C LEU B 21 -7.59 3.38 35.44
N PHE B 22 -6.65 4.12 34.87
CA PHE B 22 -5.28 3.65 34.60
C PHE B 22 -4.26 4.57 35.28
N PHE B 23 -3.15 4.01 35.75
CA PHE B 23 -2.04 4.84 36.26
C PHE B 23 -1.51 5.70 35.10
N TYR B 24 -1.50 7.02 35.28
CA TYR B 24 -1.18 7.99 34.26
C TYR B 24 -0.12 8.91 34.86
N GLN B 25 0.92 9.19 34.08
CA GLN B 25 2.09 9.95 34.50
C GLN B 25 2.31 11.13 33.56
N VAL B 26 2.39 12.33 34.12
CA VAL B 26 2.95 13.45 33.38
C VAL B 26 3.82 14.29 34.31
N ALA B 27 5.09 14.46 33.89
CA ALA B 27 6.04 15.35 34.57
C ALA B 27 6.00 15.27 36.10
N GLY B 28 6.05 14.03 36.57
CA GLY B 28 6.20 13.77 37.99
C GLY B 28 4.92 13.59 38.77
N ASN B 29 3.78 13.86 38.15
CA ASN B 29 2.46 13.71 38.77
C ASN B 29 1.78 12.43 38.29
N VAL B 30 1.32 11.63 39.25
CA VAL B 30 0.63 10.38 38.98
C VAL B 30 -0.83 10.56 39.30
N SER B 31 -1.67 10.26 38.31
CA SER B 31 -3.12 10.35 38.49
C SER B 31 -3.74 9.06 37.97
N LEU B 32 -5.03 8.89 38.21
CA LEU B 32 -5.81 7.80 37.65
C LEU B 32 -6.66 8.42 36.56
N PHE B 33 -6.59 7.87 35.35
CA PHE B 33 -7.24 8.48 34.20
C PHE B 33 -7.78 7.44 33.25
N GLN B 34 -8.72 7.85 32.42
CA GLN B 34 -9.27 6.98 31.39
C GLN B 34 -8.17 6.43 30.48
N GLN B 35 -8.50 5.34 29.81
CA GLN B 35 -7.58 4.66 28.89
C GLN B 35 -7.15 5.58 27.77
N THR B 36 -5.84 5.72 27.57
CA THR B 36 -5.30 6.56 26.50
C THR B 36 -4.62 5.77 25.37
N ARG B 37 -4.28 4.51 25.63
CA ARG B 37 -3.58 3.69 24.63
C ARG B 37 -2.31 4.37 24.14
N ASN B 38 -1.58 4.99 25.06
CA ASN B 38 -0.28 5.57 24.74
C ASN B 38 0.65 5.53 25.94
N TYR B 39 1.86 6.06 25.77
CA TYR B 39 2.95 5.85 26.72
C TYR B 39 2.71 6.50 28.07
N LEU B 40 1.78 7.45 28.14
CA LEU B 40 1.48 8.14 29.41
C LEU B 40 0.96 7.16 30.45
N GLU B 41 0.42 6.04 29.98
CA GLU B 41 -0.12 5.00 30.85
C GLU B 41 0.66 3.70 30.81
N ARG B 42 1.90 3.75 30.31
CA ARG B 42 2.73 2.55 30.22
C ARG B 42 3.89 2.69 31.19
N TRP B 43 4.26 1.54 31.74
CA TRP B 43 5.25 1.45 32.79
C TRP B 43 6.12 0.22 32.55
N ARG B 44 7.43 0.35 32.73
CA ARG B 44 8.34 -0.78 32.65
C ARG B 44 8.62 -1.27 34.07
N LEU B 45 8.47 -2.58 34.27
CA LEU B 45 8.76 -3.21 35.57
C LEU B 45 10.21 -3.65 35.63
N ILE B 46 10.95 -3.21 36.64
CA ILE B 46 12.37 -3.49 36.75
C ILE B 46 12.60 -4.26 38.05
N TYR B 47 12.93 -5.54 37.93
CA TYR B 47 13.12 -6.42 39.09
C TYR B 47 14.54 -6.38 39.63
N ASP B 48 14.65 -6.34 40.96
CA ASP B 48 15.87 -6.63 41.72
C ASP B 48 15.62 -7.90 42.54
N SER B 49 16.32 -8.98 42.19
CA SER B 49 16.06 -10.29 42.80
C SER B 49 16.48 -10.38 44.26
N ASN B 50 17.43 -9.55 44.68
CA ASN B 50 17.84 -9.53 46.09
C ASN B 50 16.76 -8.92 46.96
N LYS B 51 16.23 -7.77 46.52
CA LYS B 51 15.14 -7.12 47.22
C LYS B 51 13.83 -7.86 47.04
N ALA B 52 13.77 -8.67 45.99
CA ALA B 52 12.53 -9.31 45.57
C ALA B 52 11.43 -8.25 45.45
N ALA B 53 11.76 -7.18 44.73
CA ALA B 53 10.88 -6.07 44.53
C ALA B 53 11.23 -5.39 43.21
N TYR B 54 10.33 -4.50 42.79
CA TYR B 54 10.36 -3.86 41.48
C TYR B 54 10.33 -2.36 41.57
N LYS B 55 11.03 -1.73 40.63
CA LYS B 55 10.77 -0.34 40.31
C LYS B 55 9.72 -0.33 39.20
N ILE B 56 8.89 0.70 39.21
CA ILE B 56 7.82 0.86 38.25
C ILE B 56 8.10 2.19 37.51
N LYS B 57 8.68 2.05 36.32
CA LYS B 57 9.28 3.17 35.59
C LYS B 57 8.38 3.65 34.46
N SER B 58 8.13 4.95 34.40
CA SER B 58 7.26 5.49 33.37
C SER B 58 7.93 5.38 32.02
N MET B 59 7.13 5.06 31.00
CA MET B 59 7.60 5.07 29.61
C MET B 59 7.55 6.45 28.96
N ASP B 60 7.49 7.50 29.78
CA ASP B 60 7.61 8.85 29.25
C ASP B 60 8.78 8.97 28.29
N ILE B 61 8.52 9.53 27.12
CA ILE B 61 9.55 9.57 26.08
C ILE B 61 10.54 10.71 26.25
N HIS B 62 10.21 11.69 27.10
CA HIS B 62 11.08 12.83 27.31
C HIS B 62 11.96 12.67 28.55
N ASN B 63 11.34 12.37 29.69
CA ASN B 63 12.09 12.09 30.90
C ASN B 63 11.98 10.60 31.12
N THR B 64 13.05 9.90 30.76
CA THR B 64 13.04 8.45 30.66
C THR B 64 13.41 7.75 31.95
N ASN B 65 13.67 8.51 33.03
CA ASN B 65 14.11 7.91 34.31
C ASN B 65 13.20 8.22 35.50
N LEU B 66 11.89 8.30 35.27
CA LEU B 66 10.92 8.56 36.34
C LEU B 66 10.33 7.25 36.87
N VAL B 67 10.31 7.09 38.19
CA VAL B 67 9.77 5.88 38.80
C VAL B 67 8.78 6.22 39.89
N LEU B 68 7.83 5.32 40.09
CA LEU B 68 6.79 5.49 41.11
C LEU B 68 7.46 5.54 42.49
N THR B 69 7.10 6.55 43.28
CA THR B 69 7.81 6.85 44.51
C THR B 69 6.82 7.19 45.61
N TRP B 70 7.03 6.60 46.79
CA TRP B 70 6.25 6.96 47.96
C TRP B 70 6.99 8.12 48.62
N ASN B 71 6.36 9.29 48.62
CA ASN B 71 6.99 10.48 49.17
C ASN B 71 6.82 10.61 50.67
N ALA B 72 7.34 9.61 51.36
CA ALA B 72 7.33 9.59 52.82
C ALA B 72 7.98 10.88 53.29
N PRO B 73 7.46 11.48 54.37
CA PRO B 73 6.52 10.94 55.33
C PRO B 73 5.03 11.10 54.99
N THR B 74 4.69 11.71 53.87
CA THR B 74 3.29 11.82 53.44
C THR B 74 2.92 10.53 52.78
N HIS B 75 1.64 10.33 52.52
CA HIS B 75 1.20 9.16 51.76
C HIS B 75 0.96 9.49 50.27
N ASN B 76 1.54 10.58 49.78
CA ASN B 76 1.44 10.96 48.37
C ASN B 76 2.32 10.03 47.56
N ILE B 77 1.78 9.58 46.44
CA ILE B 77 2.54 8.80 45.47
C ILE B 77 2.76 9.66 44.22
N SER B 78 4.01 9.79 43.80
CA SER B 78 4.35 10.57 42.61
C SER B 78 5.42 9.84 41.79
N THR B 79 5.90 10.45 40.72
CA THR B 79 7.06 9.92 40.01
C THR B 79 8.24 10.85 40.23
N GLN B 80 9.39 10.26 40.56
CA GLN B 80 10.63 11.00 40.88
C GLN B 80 11.79 10.37 40.10
N GLN B 81 12.92 11.08 39.95
CA GLN B 81 14.05 10.47 39.23
C GLN B 81 14.47 9.22 40.00
N ASP B 82 14.80 8.17 39.27
CA ASP B 82 15.24 6.91 39.85
C ASP B 82 16.60 7.08 40.53
N SER B 83 16.64 6.89 41.85
CA SER B 83 17.91 6.81 42.57
C SER B 83 18.06 5.45 43.23
N ASN B 84 17.22 4.51 42.84
CA ASN B 84 17.22 3.15 43.39
C ASN B 84 16.88 3.12 44.88
N ALA B 85 16.12 4.10 45.35
CA ALA B 85 15.80 4.25 46.77
C ALA B 85 14.77 3.21 47.24
N ASP B 86 14.75 2.93 48.53
CA ASP B 86 13.80 1.96 49.07
C ASP B 86 12.34 2.35 48.80
N ASN B 87 12.08 3.67 48.81
CA ASN B 87 10.73 4.19 48.53
C ASN B 87 10.36 4.20 47.05
N GLN B 88 11.22 3.61 46.23
CA GLN B 88 10.99 3.42 44.82
C GLN B 88 10.89 1.95 44.45
N TYR B 89 10.89 1.07 45.45
CA TYR B 89 10.74 -0.37 45.22
C TYR B 89 9.40 -0.85 45.76
N TRP B 90 8.82 -1.80 45.06
CA TRP B 90 7.48 -2.27 45.30
C TRP B 90 7.41 -3.78 45.17
N LEU B 91 6.74 -4.44 46.11
CA LEU B 91 6.48 -5.87 45.99
C LEU B 91 5.24 -6.04 45.13
N LEU B 92 5.33 -6.88 44.11
CA LEU B 92 4.20 -7.16 43.22
C LEU B 92 3.67 -8.50 43.64
N LEU B 93 2.55 -8.47 44.35
CA LEU B 93 1.95 -9.63 44.98
C LEU B 93 0.70 -10.01 44.21
N LYS B 94 0.78 -11.11 43.47
CA LYS B 94 -0.32 -11.57 42.63
C LYS B 94 -1.32 -12.34 43.46
N ASP B 95 -2.55 -11.85 43.47
CA ASP B 95 -3.62 -12.49 44.23
C ASP B 95 -4.17 -13.57 43.34
N ILE B 96 -3.69 -14.80 43.55
CA ILE B 96 -3.93 -15.90 42.60
C ILE B 96 -5.40 -16.26 42.52
N GLY B 97 -5.92 -16.29 41.29
CA GLY B 97 -7.35 -16.60 41.04
C GLY B 97 -8.17 -15.34 40.80
N ASN B 98 -7.63 -14.18 41.16
CA ASN B 98 -8.39 -12.93 41.12
C ASN B 98 -7.98 -11.98 39.98
N ASN B 99 -7.08 -12.41 39.09
CA ASN B 99 -6.55 -11.52 38.04
C ASN B 99 -6.09 -10.16 38.57
N SER B 100 -5.47 -10.14 39.75
CA SER B 100 -5.07 -8.86 40.35
C SER B 100 -3.79 -8.93 41.18
N PHE B 101 -3.28 -7.75 41.47
CA PHE B 101 -2.06 -7.58 42.23
C PHE B 101 -2.30 -6.60 43.36
N ILE B 102 -1.66 -6.88 44.49
CA ILE B 102 -1.44 -5.91 45.55
C ILE B 102 0.00 -5.40 45.38
N ILE B 103 0.18 -4.09 45.54
CA ILE B 103 1.46 -3.43 45.29
C ILE B 103 1.94 -2.78 46.59
N ALA B 104 2.85 -3.47 47.27
CA ALA B 104 3.29 -3.11 48.61
C ALA B 104 4.62 -2.38 48.59
N SER B 105 4.81 -1.39 49.46
CA SER B 105 6.08 -0.65 49.47
C SER B 105 7.21 -1.44 50.06
N TYR B 106 8.35 -1.48 49.37
CA TYR B 106 9.52 -2.12 49.94
C TYR B 106 9.96 -1.40 51.23
N LYS B 107 9.75 -0.10 51.28
CA LYS B 107 10.15 0.69 52.45
C LYS B 107 9.36 0.30 53.72
N ASN B 108 8.12 -0.09 53.52
CA ASN B 108 7.31 -0.69 54.59
C ASN B 108 6.20 -1.50 53.93
N PRO B 109 6.38 -2.83 53.82
CA PRO B 109 5.40 -3.63 53.08
C PRO B 109 4.05 -3.79 53.76
N ASN B 110 3.88 -3.22 54.94
CA ASN B 110 2.54 -3.11 55.53
C ASN B 110 1.69 -2.04 54.87
N LEU B 111 2.31 -1.19 54.04
CA LEU B 111 1.59 -0.16 53.31
C LEU B 111 1.58 -0.52 51.84
N VAL B 112 0.39 -0.43 51.22
CA VAL B 112 0.17 -0.86 49.86
C VAL B 112 -0.58 0.23 49.12
N LEU B 113 -0.42 0.29 47.81
CA LEU B 113 -1.11 1.29 47.03
C LEU B 113 -2.63 1.13 47.16
N TYR B 114 -3.31 2.27 47.20
CA TYR B 114 -4.75 2.34 47.34
C TYR B 114 -5.22 3.35 46.30
N ALA B 115 -6.17 2.94 45.47
CA ALA B 115 -6.78 3.82 44.48
C ALA B 115 -7.83 4.72 45.07
N ASP B 116 -7.56 6.02 45.09
CA ASP B 116 -8.57 6.98 45.45
C ASP B 116 -9.26 7.40 44.16
N THR B 117 -10.39 6.77 43.88
CA THR B 117 -11.05 6.96 42.61
C THR B 117 -11.89 8.23 42.58
N VAL B 118 -12.09 8.83 43.74
CA VAL B 118 -12.80 10.12 43.81
C VAL B 118 -11.81 11.26 43.49
N ALA B 119 -10.66 11.24 44.14
CA ALA B 119 -9.58 12.22 43.88
C ALA B 119 -8.78 11.88 42.62
N ARG B 120 -8.97 10.68 42.12
CA ARG B 120 -8.23 10.18 40.97
C ARG B 120 -6.72 10.24 41.19
N ASN B 121 -6.29 9.68 42.32
CA ASN B 121 -4.87 9.55 42.59
C ASN B 121 -4.63 8.35 43.48
N LEU B 122 -3.37 8.13 43.86
CA LEU B 122 -2.98 6.99 44.69
C LEU B 122 -2.62 7.45 46.09
N LYS B 123 -3.00 6.65 47.07
CA LYS B 123 -2.55 6.83 48.45
C LYS B 123 -2.08 5.46 48.94
N LEU B 124 -1.87 5.33 50.24
CA LEU B 124 -1.45 4.07 50.86
C LEU B 124 -2.47 3.60 51.87
N SER B 125 -2.55 2.30 52.04
CA SER B 125 -3.47 1.66 52.97
C SER B 125 -2.76 0.48 53.58
N THR B 126 -3.22 -0.01 54.73
CA THR B 126 -2.85 -1.35 55.16
C THR B 126 -3.64 -2.34 54.31
N LEU B 127 -3.27 -3.61 54.40
CA LEU B 127 -3.98 -4.65 53.67
C LEU B 127 -5.41 -4.74 54.18
N ASN B 128 -6.30 -5.09 53.26
CA ASN B 128 -7.71 -5.30 53.54
C ASN B 128 -8.29 -6.11 52.39
N ASN B 129 -9.57 -6.41 52.44
CA ASN B 129 -10.24 -7.21 51.41
C ASN B 129 -10.93 -6.40 50.32
N SER B 130 -10.64 -5.12 50.25
CA SER B 130 -11.29 -4.27 49.29
C SER B 130 -10.62 -4.35 47.93
N ASN B 131 -11.40 -4.03 46.90
CA ASN B 131 -10.84 -3.92 45.55
C ASN B 131 -10.03 -2.66 45.33
N TYR B 132 -10.09 -1.70 46.25
CA TYR B 132 -9.33 -0.44 46.08
C TYR B 132 -7.81 -0.56 46.24
N ILE B 133 -7.36 -1.70 46.79
CA ILE B 133 -5.93 -2.02 46.85
C ILE B 133 -5.50 -3.09 45.84
N LYS B 134 -6.38 -3.40 44.88
CA LYS B 134 -6.07 -4.39 43.88
C LYS B 134 -5.99 -3.79 42.49
N PHE B 135 -5.02 -4.26 41.71
CA PHE B 135 -4.68 -3.66 40.44
C PHE B 135 -4.49 -4.71 39.37
N ILE B 136 -4.87 -4.34 38.16
CA ILE B 136 -4.73 -5.20 37.01
C ILE B 136 -3.49 -4.77 36.27
N ILE B 137 -2.51 -5.66 36.24
CA ILE B 137 -1.25 -5.39 35.57
C ILE B 137 -1.19 -6.27 34.32
N GLU B 138 -1.11 -5.63 33.16
CA GLU B 138 -1.27 -6.35 31.91
C GLU B 138 -0.29 -5.82 30.88
N ASP B 139 0.26 -6.71 30.05
CA ASP B 139 1.00 -6.30 28.86
C ASP B 139 0.27 -5.17 28.17
N TYR B 140 0.99 -4.11 27.80
CA TYR B 140 0.31 -2.94 27.27
C TYR B 140 -0.41 -3.19 25.95
N ILE B 141 0.10 -4.12 25.15
CA ILE B 141 -0.49 -4.40 23.84
C ILE B 141 -1.86 -5.06 24.07
N ILE B 142 -1.89 -6.05 24.96
CA ILE B 142 -3.15 -6.69 25.32
C ILE B 142 -4.10 -5.63 25.89
N SER B 143 -3.59 -4.77 26.76
CA SER B 143 -4.42 -3.74 27.33
C SER B 143 -5.03 -2.81 26.27
N ASP B 144 -4.19 -2.37 25.33
CA ASP B 144 -4.65 -1.49 24.27
C ASP B 144 -5.70 -2.14 23.37
N LEU B 145 -5.51 -3.40 23.02
CA LEU B 145 -6.35 -4.01 21.98
C LEU B 145 -7.53 -4.84 22.45
N ASN B 146 -7.47 -5.35 23.68
CA ASN B 146 -8.55 -6.21 24.15
C ASN B 146 -9.83 -5.40 24.32
N ASN B 147 -10.90 -5.87 23.70
CA ASN B 147 -12.20 -5.21 23.67
C ASN B 147 -12.22 -3.86 22.96
N PHE B 148 -11.27 -3.68 22.05
CA PHE B 148 -11.18 -2.46 21.26
C PHE B 148 -12.01 -2.63 19.99
N THR B 149 -13.02 -1.79 19.83
CA THR B 149 -13.73 -1.69 18.55
C THR B 149 -13.02 -0.67 17.67
N CYS B 150 -12.63 -1.12 16.50
CA CYS B 150 -11.67 -0.40 15.70
C CYS B 150 -11.95 -0.51 14.21
N LYS B 151 -11.27 0.34 13.45
CA LYS B 151 -11.10 0.10 12.00
C LYS B 151 -9.65 -0.25 11.73
N ILE B 152 -9.41 -1.00 10.66
CA ILE B 152 -8.08 -1.53 10.36
C ILE B 152 -7.77 -1.15 8.94
N SER B 153 -6.67 -0.42 8.76
CA SER B 153 -6.28 0.07 7.43
C SER B 153 -4.88 -0.39 7.08
N PRO B 154 -4.63 -0.68 5.80
CA PRO B 154 -3.24 -0.90 5.40
C PRO B 154 -2.50 0.44 5.50
N ILE B 155 -1.24 0.43 5.92
CA ILE B 155 -0.47 1.67 5.96
C ILE B 155 -0.32 2.29 4.57
N LEU B 156 -0.44 1.46 3.53
CA LEU B 156 -0.38 1.97 2.16
C LEU B 156 -1.60 2.81 1.74
N ASP B 157 -2.70 2.75 2.51
CA ASP B 157 -3.84 3.63 2.27
C ASP B 157 -4.77 3.73 3.47
N LEU B 158 -4.59 4.79 4.27
CA LEU B 158 -5.35 4.96 5.49
C LEU B 158 -6.80 5.33 5.30
N ASN B 159 -7.19 5.66 4.07
CA ASN B 159 -8.59 5.91 3.75
C ASN B 159 -9.37 4.69 3.32
N LYS B 160 -8.72 3.54 3.30
CA LYS B 160 -9.41 2.28 3.06
C LYS B 160 -9.24 1.35 4.22
N VAL B 161 -10.19 0.43 4.33
CA VAL B 161 -10.25 -0.46 5.49
C VAL B 161 -10.52 -1.88 5.09
N VAL B 162 -10.07 -2.77 5.96
CA VAL B 162 -10.37 -4.18 5.89
C VAL B 162 -11.83 -4.34 6.31
N GLN B 163 -12.63 -4.98 5.44
CA GLN B 163 -14.05 -5.12 5.68
C GLN B 163 -14.58 -6.48 5.29
N GLN B 164 -15.69 -6.88 5.92
CA GLN B 164 -16.55 -7.94 5.41
C GLN B 164 -17.36 -7.32 4.30
N VAL B 165 -17.53 -8.01 3.18
CA VAL B 165 -18.18 -7.39 2.03
C VAL B 165 -19.58 -6.90 2.37
N ASP B 166 -20.39 -7.80 2.92
CA ASP B 166 -21.68 -7.42 3.48
C ASP B 166 -22.18 -8.49 4.45
N VAL B 167 -23.37 -8.29 4.99
CA VAL B 167 -23.89 -9.16 6.05
C VAL B 167 -23.82 -10.66 5.73
N THR B 168 -24.08 -11.07 4.49
CA THR B 168 -24.03 -12.49 4.12
C THR B 168 -22.93 -12.85 3.12
N ASN B 169 -22.21 -11.86 2.61
CA ASN B 169 -20.99 -12.09 1.87
C ASN B 169 -19.81 -11.97 2.80
N LEU B 170 -19.31 -13.11 3.24
CA LEU B 170 -18.31 -13.18 4.29
C LEU B 170 -16.90 -13.03 3.76
N ASN B 171 -16.75 -12.77 2.48
CA ASN B 171 -15.42 -12.41 1.99
C ASN B 171 -14.91 -11.14 2.66
N VAL B 172 -13.58 -11.02 2.71
CA VAL B 172 -12.91 -9.90 3.32
C VAL B 172 -12.04 -9.22 2.26
N ASN B 173 -12.23 -7.91 2.11
CA ASN B 173 -11.52 -7.13 1.12
C ASN B 173 -11.25 -5.73 1.63
N LEU B 174 -10.54 -4.95 0.80
CA LEU B 174 -10.23 -3.55 1.07
C LEU B 174 -11.25 -2.64 0.44
N TYR B 175 -11.69 -1.63 1.18
CA TYR B 175 -12.68 -0.70 0.63
C TYR B 175 -12.63 0.67 1.33
N THR B 176 -13.03 1.68 0.57
CA THR B 176 -13.15 3.03 1.09
C THR B 176 -13.91 3.03 2.41
N TRP B 177 -13.35 3.69 3.42
CA TRP B 177 -14.03 3.86 4.69
C TRP B 177 -15.28 4.69 4.52
N ASP B 178 -16.41 4.16 4.97
CA ASP B 178 -17.66 4.90 4.93
C ASP B 178 -18.46 4.69 6.22
N TYR B 179 -17.75 4.40 7.29
CA TYR B 179 -18.34 4.23 8.63
C TYR B 179 -19.28 3.05 8.74
N GLY B 180 -19.16 2.07 7.84
CA GLY B 180 -20.08 0.96 7.83
C GLY B 180 -19.85 -0.01 8.97
N ARG B 181 -20.93 -0.66 9.38
CA ARG B 181 -20.89 -1.68 10.41
C ARG B 181 -19.99 -2.86 9.98
N ASN B 182 -20.02 -3.13 8.67
CA ASN B 182 -19.17 -4.17 8.10
C ASN B 182 -17.67 -3.83 8.06
N GLN B 183 -17.34 -2.61 8.43
CA GLN B 183 -15.98 -2.08 8.34
C GLN B 183 -15.36 -1.90 9.71
N LYS B 184 -16.02 -2.41 10.74
CA LYS B 184 -15.51 -2.30 12.10
C LYS B 184 -15.37 -3.68 12.72
N TRP B 185 -14.40 -3.80 13.62
CA TRP B 185 -14.09 -5.06 14.25
C TRP B 185 -13.90 -4.84 15.74
N THR B 186 -14.27 -5.83 16.52
CA THR B 186 -14.00 -5.78 17.94
C THR B 186 -12.96 -6.86 18.21
N ILE B 187 -11.83 -6.45 18.77
CA ILE B 187 -10.75 -7.36 19.06
C ILE B 187 -10.96 -7.97 20.43
N ARG B 188 -10.81 -9.29 20.56
CA ARG B 188 -10.96 -9.94 21.85
C ARG B 188 -9.80 -10.89 22.07
N TYR B 189 -9.10 -10.69 23.18
CA TYR B 189 -7.98 -11.52 23.58
C TYR B 189 -8.50 -12.75 24.34
N ASN B 190 -7.99 -13.91 23.94
CA ASN B 190 -8.27 -15.18 24.61
C ASN B 190 -7.05 -15.56 25.45
N GLU B 191 -7.23 -15.54 26.76
CA GLU B 191 -6.13 -15.76 27.71
C GLU B 191 -5.53 -17.15 27.53
N GLU B 192 -6.41 -18.13 27.31
CA GLU B 192 -5.99 -19.53 27.25
C GLU B 192 -5.18 -19.80 25.99
N LYS B 193 -5.60 -19.19 24.88
CA LYS B 193 -4.90 -19.37 23.60
C LYS B 193 -3.76 -18.37 23.43
N ALA B 194 -3.70 -17.38 24.31
CA ALA B 194 -2.72 -16.29 24.20
C ALA B 194 -2.72 -15.70 22.78
N ALA B 195 -3.92 -15.42 22.30
CA ALA B 195 -4.11 -14.91 20.96
C ALA B 195 -5.43 -14.17 20.87
N TYR B 196 -5.64 -13.48 19.77
CA TYR B 196 -6.79 -12.62 19.57
C TYR B 196 -7.71 -13.10 18.47
N GLN B 197 -8.96 -12.70 18.58
CA GLN B 197 -9.92 -12.79 17.50
C GLN B 197 -10.43 -11.40 17.12
N PHE B 198 -10.80 -11.28 15.85
CA PHE B 198 -11.40 -10.05 15.33
C PHE B 198 -12.85 -10.36 14.99
N PHE B 199 -13.79 -9.82 15.75
CA PHE B 199 -15.22 -10.00 15.49
C PHE B 199 -15.75 -8.87 14.63
N ASN B 200 -16.34 -9.19 13.50
CA ASN B 200 -16.91 -8.12 12.67
C ASN B 200 -18.20 -7.59 13.31
N THR B 201 -18.39 -6.29 13.32
CA THR B 201 -19.51 -5.74 14.09
C THR B 201 -20.86 -5.90 13.39
N ILE B 202 -20.86 -6.36 12.14
CA ILE B 202 -22.14 -6.59 11.44
C ILE B 202 -22.73 -7.95 11.80
N LEU B 203 -21.93 -8.81 12.41
CA LEU B 203 -22.40 -10.09 12.92
C LEU B 203 -22.14 -10.17 14.42
N SER B 204 -22.66 -11.23 15.04
CA SER B 204 -22.43 -11.47 16.46
C SER B 204 -21.32 -12.49 16.70
N ASN B 205 -21.18 -13.48 15.83
CA ASN B 205 -20.22 -14.57 16.05
C ASN B 205 -19.19 -14.75 14.94
N GLY B 206 -19.14 -13.83 13.99
CA GLY B 206 -18.24 -13.93 12.84
C GLY B 206 -16.88 -13.36 13.13
N VAL B 207 -15.84 -14.17 12.94
CA VAL B 207 -14.47 -13.75 13.21
C VAL B 207 -13.58 -13.90 11.97
N LEU B 208 -12.59 -13.00 11.87
CA LEU B 208 -11.59 -13.07 10.82
C LEU B 208 -10.84 -14.40 10.87
N THR B 209 -10.83 -15.12 9.74
CA THR B 209 -10.30 -16.48 9.68
C THR B 209 -9.46 -16.73 8.41
N TRP B 210 -8.33 -17.41 8.61
CA TRP B 210 -7.61 -17.99 7.50
C TRP B 210 -8.31 -19.28 7.07
N ILE B 211 -8.85 -19.27 5.85
CA ILE B 211 -9.49 -20.44 5.25
C ILE B 211 -8.42 -21.26 4.57
N PHE B 212 -7.65 -21.97 5.38
CA PHE B 212 -6.47 -22.69 4.92
C PHE B 212 -6.81 -23.86 3.98
N SER B 213 -8.08 -24.27 3.96
CA SER B 213 -8.56 -25.25 2.98
C SER B 213 -8.61 -24.68 1.56
N ASN B 214 -8.52 -23.35 1.45
CA ASN B 214 -8.51 -22.65 0.16
C ASN B 214 -7.31 -21.71 0.09
N GLY B 215 -6.12 -22.29 0.12
CA GLY B 215 -4.88 -21.54 -0.01
C GLY B 215 -4.70 -20.48 1.06
N ASN B 216 -4.51 -19.23 0.63
CA ASN B 216 -4.23 -18.09 1.52
C ASN B 216 -5.47 -17.25 1.79
N THR B 217 -6.62 -17.77 1.41
CA THR B 217 -7.89 -17.07 1.54
C THR B 217 -8.18 -16.67 2.98
N VAL B 218 -8.72 -15.46 3.15
CA VAL B 218 -9.25 -14.97 4.41
C VAL B 218 -10.71 -14.58 4.22
N ARG B 219 -11.55 -15.09 5.13
CA ARG B 219 -12.98 -14.76 5.19
C ARG B 219 -13.37 -14.58 6.65
N VAL B 220 -14.54 -14.03 6.87
CA VAL B 220 -15.22 -14.15 8.16
C VAL B 220 -15.87 -15.53 8.22
N SER B 221 -15.85 -16.13 9.39
CA SER B 221 -16.42 -17.47 9.59
C SER B 221 -16.93 -17.55 11.01
N SER B 222 -17.87 -18.45 11.25
CA SER B 222 -18.48 -18.56 12.57
C SER B 222 -17.47 -19.01 13.62
N SER B 223 -17.52 -18.35 14.77
CA SER B 223 -16.82 -18.79 15.99
C SER B 223 -17.54 -19.96 16.69
N ASN B 224 -18.77 -20.25 16.26
CA ASN B 224 -19.55 -21.37 16.80
C ASN B 224 -19.31 -22.61 15.94
N ASP B 225 -18.09 -23.12 16.03
CA ASP B 225 -17.65 -24.27 15.25
C ASP B 225 -16.46 -24.91 15.96
N GLN B 226 -15.94 -25.98 15.38
CA GLN B 226 -14.82 -26.70 15.99
C GLN B 226 -13.64 -25.76 16.23
N ASN B 227 -12.89 -26.02 17.30
CA ASN B 227 -11.68 -25.27 17.60
C ASN B 227 -10.81 -25.20 16.37
N ASN B 228 -10.41 -23.99 16.02
CA ASN B 228 -9.62 -23.77 14.82
C ASN B 228 -8.67 -22.62 15.10
N ASP B 229 -7.40 -22.96 15.30
CA ASP B 229 -6.39 -21.94 15.52
C ASP B 229 -6.32 -20.93 14.38
N ALA B 230 -6.89 -21.27 13.22
CA ALA B 230 -6.87 -20.32 12.08
C ALA B 230 -7.77 -19.12 12.30
N GLN B 231 -8.62 -19.19 13.32
CA GLN B 231 -9.45 -18.05 13.75
C GLN B 231 -8.78 -17.17 14.78
N TYR B 232 -7.52 -17.46 15.12
CA TYR B 232 -6.78 -16.69 16.12
C TYR B 232 -5.53 -16.06 15.52
N TRP B 233 -5.12 -14.96 16.14
CA TRP B 233 -4.04 -14.17 15.59
C TRP B 233 -3.18 -13.58 16.69
N LEU B 234 -1.91 -13.39 16.37
CA LEU B 234 -1.01 -12.62 17.20
C LEU B 234 -0.91 -11.22 16.62
N ILE B 235 -0.88 -10.23 17.50
CA ILE B 235 -0.82 -8.83 17.07
C ILE B 235 0.43 -8.17 17.68
N ASN B 236 1.32 -7.75 16.78
CA ASN B 236 2.69 -7.42 17.12
C ASN B 236 2.90 -5.93 16.76
N PRO B 237 3.24 -5.07 17.75
CA PRO B 237 3.44 -3.67 17.38
C PRO B 237 4.71 -3.51 16.56
N VAL B 238 4.70 -2.53 15.66
CA VAL B 238 5.93 -2.11 15.00
C VAL B 238 6.09 -0.63 15.28
N SER B 239 7.31 -0.14 15.11
CA SER B 239 7.66 1.21 15.57
C SER B 239 7.21 2.32 14.62
N ASP B 240 6.71 1.95 13.46
CA ASP B 240 6.28 2.89 12.42
C ASP B 240 5.40 4.01 12.98
N THR B 241 4.31 3.62 13.64
CA THR B 241 3.56 4.54 14.51
C THR B 241 3.16 3.77 15.76
N ASP B 242 2.56 4.46 16.72
CA ASP B 242 2.05 3.81 17.93
C ASP B 242 0.77 3.03 17.69
N GLU B 243 0.24 3.04 16.48
CA GLU B 243 -0.97 2.31 16.14
C GLU B 243 -0.78 1.38 14.95
N THR B 244 0.48 1.06 14.63
CA THR B 244 0.78 0.13 13.54
C THR B 244 1.22 -1.24 14.06
N TYR B 245 0.70 -2.29 13.42
CA TYR B 245 0.93 -3.66 13.87
C TYR B 245 1.07 -4.61 12.70
N THR B 246 1.70 -5.74 12.97
CA THR B 246 1.57 -6.91 12.11
C THR B 246 0.63 -7.90 12.78
N ILE B 247 0.03 -8.74 11.97
CA ILE B 247 -1.01 -9.65 12.44
C ILE B 247 -0.71 -11.02 11.86
N THR B 248 -0.27 -11.93 12.72
CA THR B 248 0.11 -13.26 12.27
C THR B 248 -0.88 -14.30 12.74
N ASN B 249 -1.00 -15.39 12.00
CA ASN B 249 -2.01 -16.40 12.31
C ASN B 249 -1.52 -17.47 13.26
N LEU B 250 -2.34 -17.78 14.26
CA LEU B 250 -1.93 -18.76 15.28
C LEU B 250 -1.67 -20.15 14.69
N ARG B 251 -2.39 -20.55 13.66
CA ARG B 251 -2.18 -21.86 13.04
C ARG B 251 -0.77 -21.98 12.44
N ASP B 252 -0.29 -20.88 11.88
CA ASP B 252 1.08 -20.81 11.34
C ASP B 252 1.54 -19.36 11.43
N THR B 253 2.35 -19.07 12.45
CA THR B 253 2.78 -17.70 12.73
C THR B 253 3.83 -17.17 11.74
N THR B 254 4.26 -18.01 10.81
CA THR B 254 5.03 -17.52 9.66
C THR B 254 4.11 -16.95 8.57
N LYS B 255 2.79 -16.97 8.79
CA LYS B 255 1.82 -16.38 7.87
C LYS B 255 1.19 -15.15 8.48
N ALA B 256 1.18 -14.05 7.72
CA ALA B 256 0.67 -12.77 8.20
C ALA B 256 -0.49 -12.27 7.34
N LEU B 257 -1.39 -11.53 7.96
CA LEU B 257 -2.43 -10.80 7.23
C LEU B 257 -1.75 -9.85 6.24
N ASP B 258 -2.23 -9.87 5.00
CA ASP B 258 -1.47 -9.39 3.83
C ASP B 258 -2.45 -8.75 2.85
N LEU B 259 -2.17 -7.50 2.49
CA LEU B 259 -2.92 -6.79 1.47
C LEU B 259 -2.43 -7.27 0.11
N TYR B 260 -3.32 -7.90 -0.67
CA TYR B 260 -2.89 -8.64 -1.85
C TYR B 260 -2.08 -7.74 -2.80
N GLY B 261 -0.83 -8.12 -3.05
CA GLY B 261 0.03 -7.41 -4.01
C GLY B 261 0.38 -5.98 -3.62
N GLY B 262 -0.04 -5.54 -2.43
CA GLY B 262 0.10 -4.14 -2.07
C GLY B 262 -0.83 -3.24 -2.89
N GLN B 263 -1.85 -3.83 -3.51
CA GLN B 263 -2.81 -3.06 -4.27
C GLN B 263 -3.77 -2.30 -3.36
N THR B 264 -4.11 -1.05 -3.67
CA THR B 264 -4.98 -0.25 -2.81
C THR B 264 -6.30 0.14 -3.46
N ALA B 265 -6.71 -0.55 -4.52
CA ALA B 265 -7.99 -0.33 -5.14
C ALA B 265 -9.12 -0.97 -4.30
N ASN B 266 -10.33 -0.41 -4.38
CA ASN B 266 -11.50 -1.05 -3.80
C ASN B 266 -11.66 -2.46 -4.33
N GLY B 267 -11.87 -3.40 -3.41
CA GLY B 267 -12.05 -4.79 -3.73
C GLY B 267 -10.79 -5.62 -3.72
N THR B 268 -9.65 -4.99 -3.45
CA THR B 268 -8.41 -5.75 -3.28
C THR B 268 -8.59 -6.78 -2.17
N ALA B 269 -8.13 -7.99 -2.44
CA ALA B 269 -8.27 -9.07 -1.48
C ALA B 269 -7.38 -8.88 -0.27
N ILE B 270 -7.90 -9.27 0.87
CA ILE B 270 -7.10 -9.48 2.08
C ILE B 270 -6.86 -10.97 2.22
N GLN B 271 -5.61 -11.37 2.42
CA GLN B 271 -5.22 -12.78 2.49
C GLN B 271 -4.21 -12.96 3.60
N VAL B 272 -3.65 -14.17 3.71
CA VAL B 272 -2.42 -14.36 4.47
C VAL B 272 -1.31 -14.64 3.48
N PHE B 273 -0.08 -14.43 3.92
CA PHE B 273 1.06 -14.75 3.09
C PHE B 273 2.29 -14.84 3.96
N ASN B 274 3.36 -15.41 3.42
CA ASN B 274 4.63 -15.52 4.13
C ASN B 274 4.99 -14.19 4.80
N TYR B 275 5.28 -14.26 6.10
CA TYR B 275 5.45 -13.08 6.92
C TYR B 275 6.86 -12.52 6.81
N HIS B 276 7.02 -11.39 6.12
CA HIS B 276 8.30 -10.71 6.05
C HIS B 276 8.26 -9.27 6.56
N GLY B 277 7.11 -8.86 7.08
CA GLY B 277 6.95 -7.52 7.66
C GLY B 277 7.11 -6.40 6.66
N ASP B 278 6.77 -6.67 5.41
CA ASP B 278 6.81 -5.67 4.35
C ASP B 278 5.63 -4.71 4.48
N ASP B 279 5.62 -3.67 3.65
CA ASP B 279 4.61 -2.62 3.81
C ASP B 279 3.18 -3.10 3.69
N ASN B 280 2.92 -4.12 2.87
CA ASN B 280 1.56 -4.61 2.70
C ASN B 280 1.16 -5.61 3.79
N GLN B 281 2.02 -5.74 4.81
CA GLN B 281 1.73 -6.54 6.00
C GLN B 281 1.72 -5.75 7.30
N LYS B 282 1.62 -4.43 7.17
CA LYS B 282 1.51 -3.54 8.31
C LYS B 282 0.16 -2.84 8.28
N TRP B 283 -0.48 -2.77 9.45
CA TRP B 283 -1.88 -2.37 9.59
C TRP B 283 -1.99 -1.35 10.69
N ASN B 284 -2.77 -0.31 10.44
CA ASN B 284 -3.11 0.69 11.42
C ASN B 284 -4.45 0.35 12.05
N ILE B 285 -4.43 0.15 13.35
CA ILE B 285 -5.61 -0.24 14.12
C ILE B 285 -5.94 0.94 15.02
N ARG B 286 -7.11 1.53 14.79
CA ARG B 286 -7.49 2.69 15.60
C ARG B 286 -8.99 2.90 15.67
N ASN B 287 -9.37 3.92 16.45
CA ASN B 287 -10.77 4.22 16.65
C ASN B 287 -11.48 4.53 15.33
N PRO B 288 -12.76 4.11 15.21
CA PRO B 288 -13.58 4.57 14.09
C PRO B 288 -13.90 6.07 14.18
#